data_7CGU
#
_entry.id   7CGU
#
_cell.length_a   68.023
_cell.length_b   82.999
_cell.length_c   131.148
_cell.angle_alpha   90.000
_cell.angle_beta   90.000
_cell.angle_gamma   90.000
#
_symmetry.space_group_name_H-M   'C 2 2 21'
#
loop_
_entity.id
_entity.type
_entity.pdbx_description
1 polymer 'Alcohol dehydrogenase'
2 non-polymer 'ZINC ION'
3 non-polymer 'SULFATE ION'
4 water water
#
_entity_poly.entity_id   1
_entity_poly.type   'polypeptide(L)'
_entity_poly.pdbx_seq_one_letter_code
;MASEKSLEEKQAENTFGWAAMDSSGVLSPFTFSRRATGEEDVRLKVLYCGICHSDLGCIKNEWGWCSYPLVPGHEIVGIA
TEVGSKVTKFKVGDRVGVGCMVGSCGTCQNCTQNQESYCPEVIMTCASAYPDGTPTYGGFSNQMVANEKFVIRIPNSLPL
DAAAPLLCAGSTVYSAMKFYGLCSQGLHLGVVGLGGLGHVAVKFAKAFGMKVTVISTSLGKKEEAINQLGADSFLINTDT
EQMQGAMEVMDGIIDTVSALHPIEPLLGLLKSHQGKLIIVGLPNKQPELPVFSLINGRKMIGGSAVGGVKETQEMIDFAA
EHNITADIEIVPMDYVNTAMERLEKGDVKFRFVIDVENTLVAAQT
;
_entity_poly.pdbx_strand_id   A
#
# COMPACT_ATOMS: atom_id res chain seq x y z
N ALA A 12 17.07 -18.06 15.44
CA ALA A 12 16.05 -17.72 16.42
C ALA A 12 16.64 -16.88 17.55
N GLU A 13 17.30 -15.76 17.22
CA GLU A 13 17.95 -14.95 18.24
C GLU A 13 18.09 -13.48 17.87
N ASN A 14 18.78 -13.15 16.76
CA ASN A 14 19.40 -11.82 16.60
C ASN A 14 18.44 -10.72 16.16
N THR A 15 17.14 -10.96 16.16
CA THR A 15 16.14 -9.98 15.75
C THR A 15 14.90 -10.20 16.58
N PHE A 16 14.25 -9.13 17.00
CA PHE A 16 13.02 -9.27 17.77
C PHE A 16 11.87 -8.49 17.12
N GLY A 17 10.66 -9.01 17.26
CA GLY A 17 9.49 -8.32 16.75
C GLY A 17 8.23 -8.90 17.35
N TRP A 18 7.11 -8.75 16.62
CA TRP A 18 5.83 -9.29 17.05
C TRP A 18 5.22 -10.12 15.94
N ALA A 19 4.49 -11.16 16.29
CA ALA A 19 4.06 -12.14 15.31
C ALA A 19 2.71 -12.72 15.69
N ALA A 20 1.97 -13.14 14.68
CA ALA A 20 0.77 -13.93 14.93
C ALA A 20 1.15 -15.40 14.81
N MET A 21 0.48 -16.22 15.62
CA MET A 21 0.66 -17.66 15.64
C MET A 21 -0.51 -18.42 15.03
N ASP A 22 -1.68 -17.79 14.95
CA ASP A 22 -2.99 -18.37 14.69
C ASP A 22 -3.62 -17.56 13.58
N SER A 23 -4.64 -18.11 12.96
CA SER A 23 -5.54 -17.30 12.16
C SER A 23 -6.38 -16.33 13.00
N SER A 24 -6.33 -16.41 14.33
CA SER A 24 -6.93 -15.37 15.15
C SER A 24 -6.25 -14.03 14.91
N GLY A 25 -5.02 -14.04 14.39
CA GLY A 25 -4.31 -12.80 14.09
C GLY A 25 -3.79 -12.05 15.30
N VAL A 26 -3.80 -12.68 16.48
CA VAL A 26 -3.36 -11.98 17.68
C VAL A 26 -1.84 -12.05 17.71
N LEU A 27 -1.22 -10.90 17.91
CA LEU A 27 0.21 -10.68 17.74
C LEU A 27 0.86 -10.55 19.11
N SER A 28 2.07 -11.09 19.24
CA SER A 28 2.76 -11.13 20.52
C SER A 28 4.26 -11.19 20.26
N PRO A 29 5.09 -10.85 21.25
CA PRO A 29 6.55 -10.85 21.05
C PRO A 29 7.09 -12.17 20.51
N PHE A 30 8.11 -12.07 19.67
CA PHE A 30 8.65 -13.19 18.94
C PHE A 30 10.07 -12.86 18.51
N THR A 31 10.99 -13.80 18.75
CA THR A 31 12.40 -13.66 18.45
C THR A 31 12.77 -14.55 17.26
N PHE A 32 13.62 -14.04 16.38
CA PHE A 32 14.04 -14.85 15.23
C PHE A 32 15.37 -14.32 14.72
N SER A 33 15.91 -14.98 13.71
CA SER A 33 17.20 -14.60 13.16
C SER A 33 17.01 -14.04 11.76
N ARG A 34 17.76 -13.00 11.45
CA ARG A 34 17.92 -12.55 10.07
C ARG A 34 19.29 -12.97 9.53
N ARG A 35 19.35 -13.17 8.21
CA ARG A 35 20.59 -13.58 7.57
C ARG A 35 21.67 -12.52 7.80
N ALA A 36 22.92 -12.96 7.75
CA ALA A 36 24.02 -12.00 7.71
C ALA A 36 23.93 -11.16 6.42
N THR A 37 24.51 -9.97 6.47
CA THR A 37 24.48 -9.03 5.35
C THR A 37 25.35 -9.54 4.20
N GLY A 38 24.72 -10.02 3.12
CA GLY A 38 25.45 -10.45 1.95
C GLY A 38 26.03 -9.28 1.15
N GLU A 39 26.78 -9.62 0.10
CA GLU A 39 27.54 -8.61 -0.63
C GLU A 39 26.64 -7.57 -1.28
N GLU A 40 25.38 -7.93 -1.56
CA GLU A 40 24.41 -7.04 -2.16
C GLU A 40 23.33 -6.57 -1.19
N ASP A 41 23.45 -6.86 0.11
CA ASP A 41 22.39 -6.54 1.06
C ASP A 41 22.62 -5.21 1.75
N VAL A 42 21.50 -4.62 2.19
CA VAL A 42 21.45 -3.50 3.13
C VAL A 42 20.74 -3.97 4.39
N ARG A 43 21.33 -3.76 5.57
CA ARG A 43 20.57 -3.89 6.79
C ARG A 43 20.24 -2.48 7.18
N LEU A 44 19.08 -2.35 7.81
CA LEU A 44 18.58 -1.12 8.39
C LEU A 44 17.99 -1.43 9.77
N LYS A 45 18.15 -0.47 10.69
CA LYS A 45 17.35 -0.44 11.89
C LYS A 45 15.98 0.07 11.47
N VAL A 46 14.93 -0.62 11.86
CA VAL A 46 13.58 -0.21 11.52
C VAL A 46 13.15 0.90 12.46
N LEU A 47 12.78 2.04 11.89
CA LEU A 47 12.28 3.13 12.70
C LEU A 47 10.75 3.18 12.73
N TYR A 48 10.11 3.02 11.57
CA TYR A 48 8.64 3.02 11.53
C TYR A 48 8.14 1.95 10.59
N CYS A 49 6.99 1.36 10.92
CA CYS A 49 6.34 0.41 10.02
C CYS A 49 4.84 0.69 9.90
N GLY A 50 4.41 1.11 8.71
CA GLY A 50 2.98 1.30 8.48
C GLY A 50 2.20 -0.01 8.58
N ILE A 51 0.90 0.12 8.83
CA ILE A 51 -0.01 -1.01 8.91
C ILE A 51 -1.02 -0.88 7.78
N CYS A 52 -1.26 -1.99 7.11
CA CYS A 52 -1.95 -2.09 5.86
C CYS A 52 -3.04 -3.14 5.97
N HIS A 53 -4.04 -3.05 5.07
CA HIS A 53 -5.14 -4.00 5.17
C HIS A 53 -4.61 -5.37 4.78
N SER A 54 -3.56 -5.40 3.95
CA SER A 54 -2.85 -6.63 3.62
C SER A 54 -2.29 -7.32 4.86
N ASP A 55 -1.81 -6.54 5.85
CA ASP A 55 -1.31 -7.16 7.08
C ASP A 55 -2.46 -7.80 7.86
N LEU A 56 -3.59 -7.10 7.94
CA LEU A 56 -4.79 -7.64 8.57
C LEU A 56 -5.22 -8.94 7.92
N GLY A 57 -5.34 -8.94 6.59
CA GLY A 57 -5.74 -10.14 5.88
C GLY A 57 -4.77 -11.28 6.10
N CYS A 58 -3.46 -10.99 6.10
CA CYS A 58 -2.46 -12.03 6.24
C CYS A 58 -2.53 -12.69 7.62
N ILE A 59 -2.74 -11.90 8.67
CA ILE A 59 -2.68 -12.48 10.01
C ILE A 59 -3.95 -13.28 10.33
N LYS A 60 -5.08 -12.89 9.75
CA LYS A 60 -6.32 -13.63 9.90
C LYS A 60 -6.50 -14.66 8.80
N ASN A 61 -5.44 -14.94 8.05
CA ASN A 61 -5.39 -15.89 6.94
C ASN A 61 -6.64 -15.79 6.05
N GLU A 62 -6.95 -14.54 5.64
CA GLU A 62 -8.13 -14.28 4.83
C GLU A 62 -8.21 -15.16 3.59
N TRP A 63 -7.07 -15.44 2.95
CA TRP A 63 -7.07 -16.19 1.69
C TRP A 63 -6.52 -17.59 1.83
N GLY A 64 -6.13 -18.01 3.03
CA GLY A 64 -5.81 -19.40 3.23
C GLY A 64 -4.41 -19.87 2.87
N TRP A 65 -3.57 -19.01 2.28
CA TRP A 65 -2.17 -19.39 2.06
C TRP A 65 -1.22 -19.22 3.23
N CYS A 66 -1.58 -18.47 4.28
CA CYS A 66 -0.56 -18.00 5.21
C CYS A 66 -0.23 -19.07 6.26
N SER A 67 1.06 -19.17 6.60
CA SER A 67 1.55 -20.06 7.64
C SER A 67 2.26 -19.27 8.73
N TYR A 68 2.43 -19.91 9.89
CA TYR A 68 2.82 -19.23 11.11
C TYR A 68 4.06 -19.86 11.73
N PRO A 69 4.76 -19.15 12.65
CA PRO A 69 4.58 -17.74 13.03
C PRO A 69 4.74 -16.76 11.85
N LEU A 70 3.97 -15.68 11.87
CA LEU A 70 3.95 -14.68 10.82
C LEU A 70 4.25 -13.32 11.41
N VAL A 71 5.36 -12.70 10.97
CA VAL A 71 5.68 -11.33 11.32
C VAL A 71 5.20 -10.42 10.16
N PRO A 72 4.16 -9.62 10.36
CA PRO A 72 3.69 -8.76 9.26
C PRO A 72 4.50 -7.48 9.13
N GLY A 73 4.04 -6.60 8.26
CA GLY A 73 4.70 -5.33 8.07
C GLY A 73 5.51 -5.27 6.79
N HIS A 74 5.15 -4.33 5.92
CA HIS A 74 5.84 -4.18 4.64
C HIS A 74 5.91 -2.72 4.22
N GLU A 75 5.67 -1.79 5.13
CA GLU A 75 5.78 -0.37 4.90
C GLU A 75 6.89 0.13 5.81
N ILE A 76 8.11 -0.32 5.52
CA ILE A 76 9.24 -0.21 6.44
C ILE A 76 10.08 1.00 6.07
N VAL A 77 10.39 1.84 7.08
CA VAL A 77 11.40 2.88 6.93
C VAL A 77 12.41 2.79 8.08
N GLY A 78 13.67 3.04 7.74
CA GLY A 78 14.73 3.01 8.73
C GLY A 78 16.05 3.58 8.24
N ILE A 79 17.11 3.27 8.99
CA ILE A 79 18.46 3.78 8.77
C ILE A 79 19.36 2.60 8.48
N ALA A 80 20.05 2.65 7.35
CA ALA A 80 21.04 1.63 7.01
C ALA A 80 22.12 1.55 8.09
N THR A 81 22.30 0.35 8.62
CA THR A 81 23.40 0.09 9.56
C THR A 81 24.50 -0.75 8.94
N GLU A 82 24.26 -1.37 7.78
CA GLU A 82 25.32 -2.20 7.23
C GLU A 82 25.08 -2.41 5.74
N VAL A 83 26.08 -2.18 4.88
CA VAL A 83 25.90 -2.48 3.46
C VAL A 83 26.95 -3.49 3.01
N GLY A 84 26.53 -4.37 2.12
CA GLY A 84 27.46 -5.28 1.49
C GLY A 84 28.45 -4.55 0.60
N SER A 85 29.52 -5.27 0.25
CA SER A 85 30.59 -4.61 -0.48
C SER A 85 30.16 -4.27 -1.90
N LYS A 86 29.30 -5.10 -2.50
CA LYS A 86 28.85 -4.87 -3.88
C LYS A 86 27.73 -3.83 -4.00
N VAL A 87 27.40 -3.07 -2.93
CA VAL A 87 26.24 -2.19 -2.91
C VAL A 87 26.63 -0.83 -3.48
N THR A 88 25.86 -0.32 -4.44
CA THR A 88 26.25 0.86 -5.21
C THR A 88 25.41 2.10 -4.92
N LYS A 89 24.19 1.88 -4.44
CA LYS A 89 23.14 2.88 -4.25
C LYS A 89 23.11 3.46 -2.83
N PHE A 90 23.77 2.82 -1.85
CA PHE A 90 23.49 3.06 -0.44
C PHE A 90 24.74 2.94 0.42
N LYS A 91 24.76 3.70 1.52
CA LYS A 91 25.85 3.71 2.51
C LYS A 91 25.24 3.79 3.90
N VAL A 92 26.07 3.53 4.91
CA VAL A 92 25.61 3.57 6.29
C VAL A 92 25.13 4.98 6.62
N GLY A 93 23.96 5.06 7.28
CA GLY A 93 23.33 6.32 7.62
C GLY A 93 22.19 6.70 6.71
N ASP A 94 22.09 6.10 5.52
CA ASP A 94 21.05 6.51 4.58
C ASP A 94 19.67 6.19 5.13
N ARG A 95 18.71 7.01 4.75
CA ARG A 95 17.31 6.82 5.10
C ARG A 95 16.68 5.96 4.01
N VAL A 96 16.29 4.73 4.37
CA VAL A 96 15.88 3.76 3.37
C VAL A 96 14.50 3.18 3.71
N GLY A 97 13.91 2.59 2.69
CA GLY A 97 12.61 1.97 2.82
C GLY A 97 12.61 0.62 2.14
N VAL A 98 11.70 -0.23 2.62
CA VAL A 98 11.43 -1.52 2.01
C VAL A 98 9.91 -1.68 1.96
N GLY A 99 9.38 -1.95 0.77
CA GLY A 99 7.97 -2.13 0.54
C GLY A 99 7.51 -3.58 0.52
N CYS A 100 6.65 -3.93 -0.43
CA CYS A 100 6.02 -5.25 -0.44
C CYS A 100 6.99 -6.39 -0.74
N MET A 101 8.14 -6.13 -1.37
CA MET A 101 8.96 -7.20 -1.92
C MET A 101 10.39 -7.19 -1.38
N VAL A 102 10.97 -8.37 -1.25
CA VAL A 102 12.39 -8.49 -0.92
C VAL A 102 13.11 -9.39 -1.93
N GLY A 103 12.36 -9.97 -2.88
CA GLY A 103 12.96 -10.89 -3.83
C GLY A 103 12.09 -11.15 -5.04
N SER A 104 12.73 -11.73 -6.06
CA SER A 104 12.05 -12.01 -7.32
C SER A 104 12.86 -13.03 -8.10
N CYS A 105 12.32 -13.39 -9.26
CA CYS A 105 12.94 -14.35 -10.15
C CYS A 105 14.32 -13.87 -10.63
N GLY A 106 14.41 -12.59 -11.00
CA GLY A 106 15.66 -12.01 -11.46
C GLY A 106 15.96 -12.22 -12.93
N THR A 107 15.17 -13.02 -13.63
CA THR A 107 15.44 -13.37 -15.02
C THR A 107 14.19 -13.53 -15.87
N CYS A 108 12.98 -13.27 -15.35
CA CYS A 108 11.74 -13.38 -16.11
C CYS A 108 11.71 -12.38 -17.26
N GLN A 109 10.53 -12.28 -17.90
CA GLN A 109 10.22 -11.09 -18.67
C GLN A 109 9.79 -9.95 -17.77
N ASN A 110 9.12 -10.28 -16.65
CA ASN A 110 8.69 -9.27 -15.69
C ASN A 110 9.88 -8.71 -14.91
N CYS A 111 10.70 -9.60 -14.32
CA CYS A 111 11.84 -9.17 -13.50
C CYS A 111 12.79 -8.26 -14.29
N THR A 112 12.93 -8.51 -15.60
CA THR A 112 13.96 -7.83 -16.40
C THR A 112 13.53 -6.44 -16.88
N GLN A 113 12.23 -6.20 -17.03
CA GLN A 113 11.73 -4.85 -17.32
C GLN A 113 10.99 -4.27 -16.11
N ASN A 114 11.58 -4.42 -14.92
CA ASN A 114 11.19 -3.70 -13.70
C ASN A 114 9.71 -3.86 -13.35
N GLN A 115 9.14 -5.02 -13.65
CA GLN A 115 7.74 -5.28 -13.29
C GLN A 115 7.74 -6.39 -12.25
N GLU A 116 8.33 -6.14 -11.08
CA GLU A 116 9.02 -7.24 -10.39
C GLU A 116 8.03 -7.92 -9.45
N SER A 117 6.96 -7.20 -9.11
CA SER A 117 5.64 -7.44 -8.56
C SER A 117 4.82 -8.45 -9.42
N TYR A 118 5.42 -9.06 -10.47
CA TYR A 118 4.75 -10.09 -11.26
C TYR A 118 5.64 -11.28 -11.69
N CYS A 119 6.89 -11.43 -11.19
CA CYS A 119 7.56 -12.76 -11.36
C CYS A 119 6.84 -13.78 -10.51
N PRO A 120 6.35 -14.87 -11.10
CA PRO A 120 5.64 -15.89 -10.33
C PRO A 120 6.40 -16.36 -9.11
N GLU A 121 7.69 -16.03 -9.01
CA GLU A 121 8.45 -16.43 -7.84
C GLU A 121 8.81 -15.16 -7.08
N VAL A 122 7.85 -14.22 -7.04
CA VAL A 122 8.00 -13.00 -6.25
C VAL A 122 8.10 -13.40 -4.79
N ILE A 123 8.96 -12.70 -4.05
CA ILE A 123 9.20 -13.02 -2.64
C ILE A 123 8.72 -11.84 -1.79
N MET A 124 7.50 -11.96 -1.25
CA MET A 124 6.90 -10.89 -0.45
C MET A 124 7.67 -10.63 0.84
N THR A 125 7.66 -9.35 1.27
CA THR A 125 8.38 -8.93 2.47
C THR A 125 7.87 -9.61 3.74
N CYS A 126 6.55 -9.81 3.84
CA CYS A 126 5.98 -10.57 4.95
C CYS A 126 5.14 -11.73 4.42
N ALA A 127 5.05 -12.80 5.23
CA ALA A 127 4.12 -13.91 5.02
C ALA A 127 4.49 -14.73 3.78
N SER A 128 5.78 -14.97 3.57
CA SER A 128 6.26 -15.67 2.39
C SER A 128 7.51 -16.46 2.73
N ALA A 129 8.22 -16.92 1.70
CA ALA A 129 9.47 -17.66 1.87
C ALA A 129 10.29 -17.54 0.60
N TYR A 130 11.60 -17.74 0.76
CA TYR A 130 12.55 -17.72 -0.35
C TYR A 130 12.49 -19.06 -1.09
N PRO A 131 13.30 -19.20 -2.15
CA PRO A 131 13.33 -20.50 -2.84
C PRO A 131 13.78 -21.64 -1.94
N ASP A 132 14.68 -21.39 -1.00
CA ASP A 132 15.30 -22.49 -0.28
C ASP A 132 14.50 -22.85 0.97
N GLY A 133 13.30 -22.26 1.10
CA GLY A 133 12.35 -22.60 2.14
C GLY A 133 12.30 -21.66 3.33
N THR A 134 13.23 -20.71 3.44
CA THR A 134 13.33 -19.84 4.63
C THR A 134 12.24 -18.77 4.68
N PRO A 135 11.49 -18.65 5.79
CA PRO A 135 10.33 -17.76 5.80
C PRO A 135 10.70 -16.29 5.93
N THR A 136 9.93 -15.41 5.25
CA THR A 136 10.22 -13.98 5.25
C THR A 136 9.43 -13.32 6.38
N TYR A 137 10.14 -12.61 7.23
CA TYR A 137 9.55 -11.90 8.35
C TYR A 137 9.53 -10.42 8.04
N GLY A 138 8.36 -9.79 8.19
CA GLY A 138 8.18 -8.41 7.79
C GLY A 138 8.71 -7.42 8.81
N GLY A 139 8.28 -6.17 8.67
CA GLY A 139 8.86 -5.06 9.41
C GLY A 139 8.28 -4.76 10.78
N PHE A 140 7.46 -5.65 11.35
CA PHE A 140 7.11 -5.54 12.78
C PHE A 140 8.28 -6.10 13.61
N SER A 141 9.44 -5.48 13.47
CA SER A 141 10.68 -6.03 14.00
C SER A 141 11.74 -4.93 14.00
N ASN A 142 12.84 -5.20 14.70
CA ASN A 142 13.77 -4.13 15.02
C ASN A 142 14.74 -3.85 13.87
N GLN A 143 14.96 -4.80 12.99
CA GLN A 143 15.88 -4.56 11.89
C GLN A 143 15.49 -5.43 10.71
N MET A 144 16.02 -5.05 9.57
CA MET A 144 15.59 -5.61 8.30
C MET A 144 16.82 -5.70 7.42
N VAL A 145 16.83 -6.73 6.57
CA VAL A 145 17.89 -7.01 5.60
C VAL A 145 17.23 -7.23 4.25
N ALA A 146 17.75 -6.56 3.22
CA ALA A 146 17.17 -6.69 1.88
C ALA A 146 18.25 -6.47 0.83
N ASN A 147 18.21 -7.24 -0.24
CA ASN A 147 18.95 -6.89 -1.43
C ASN A 147 18.73 -5.42 -1.79
N GLU A 148 19.84 -4.73 -2.06
CA GLU A 148 19.88 -3.37 -2.58
C GLU A 148 18.83 -3.10 -3.65
N LYS A 149 18.53 -4.12 -4.46
CA LYS A 149 17.61 -4.02 -5.58
C LYS A 149 16.18 -3.71 -5.14
N PHE A 150 15.82 -4.04 -3.90
CA PHE A 150 14.47 -3.79 -3.41
C PHE A 150 14.44 -2.69 -2.37
N VAL A 151 15.51 -1.89 -2.23
CA VAL A 151 15.61 -0.83 -1.22
C VAL A 151 15.33 0.52 -1.85
N ILE A 152 14.57 1.35 -1.14
CA ILE A 152 14.12 2.67 -1.59
C ILE A 152 14.90 3.74 -0.84
N ARG A 153 15.35 4.77 -1.55
CA ARG A 153 15.93 5.93 -0.89
C ARG A 153 14.80 6.85 -0.50
N ILE A 154 14.72 7.28 0.77
CA ILE A 154 13.76 8.23 1.20
C ILE A 154 14.33 9.64 1.05
N PRO A 155 13.76 10.52 0.25
CA PRO A 155 14.27 11.89 0.13
C PRO A 155 14.32 12.60 1.48
N ASN A 156 15.31 13.48 1.63
CA ASN A 156 15.51 14.21 2.89
C ASN A 156 14.30 15.03 3.29
N SER A 157 13.50 15.47 2.32
CA SER A 157 12.42 16.43 2.58
C SER A 157 11.10 15.78 2.96
N LEU A 158 11.06 14.45 3.11
CA LEU A 158 9.89 13.73 3.61
C LEU A 158 10.25 13.12 4.94
N PRO A 159 9.41 13.28 5.96
CA PRO A 159 9.66 12.55 7.22
C PRO A 159 9.46 11.06 7.03
N LEU A 160 10.23 10.28 7.80
CA LEU A 160 10.18 8.83 7.67
C LEU A 160 8.80 8.30 8.06
N ASP A 161 8.22 8.82 9.14
CA ASP A 161 7.02 8.18 9.64
C ASP A 161 5.88 8.32 8.63
N ALA A 162 5.77 9.48 8.00
CA ALA A 162 4.67 9.75 7.08
C ALA A 162 4.97 9.34 5.64
N ALA A 163 6.20 8.91 5.35
CA ALA A 163 6.57 8.35 4.06
C ALA A 163 6.40 6.83 4.03
N ALA A 164 6.62 6.18 5.18
CA ALA A 164 6.46 4.72 5.28
C ALA A 164 5.23 4.20 4.54
N PRO A 165 4.01 4.71 4.78
CA PRO A 165 2.86 4.15 4.05
C PRO A 165 2.89 4.41 2.55
N LEU A 166 3.65 5.40 2.07
CA LEU A 166 3.70 5.60 0.61
C LEU A 166 4.32 4.39 -0.07
N LEU A 167 5.22 3.67 0.62
CA LEU A 167 5.86 2.49 0.04
C LEU A 167 4.85 1.47 -0.50
N CYS A 168 3.62 1.47 0.01
CA CYS A 168 2.62 0.51 -0.44
C CYS A 168 1.37 1.21 -0.99
N ALA A 169 0.66 1.98 -0.15
CA ALA A 169 -0.47 2.76 -0.66
C ALA A 169 -0.05 3.70 -1.79
N GLY A 170 1.05 4.44 -1.61
CA GLY A 170 1.47 5.39 -2.63
C GLY A 170 1.90 4.70 -3.91
N SER A 171 2.77 3.68 -3.78
CA SER A 171 3.20 2.94 -4.96
C SER A 171 2.01 2.41 -5.74
N THR A 172 0.99 1.94 -5.02
CA THR A 172 -0.16 1.32 -5.68
C THR A 172 -0.96 2.35 -6.45
N VAL A 173 -1.34 3.45 -5.80
CA VAL A 173 -2.18 4.41 -6.50
C VAL A 173 -1.42 5.04 -7.66
N TYR A 174 -0.12 5.32 -7.47
CA TYR A 174 0.67 5.95 -8.53
C TYR A 174 0.87 5.01 -9.71
N SER A 175 1.22 3.76 -9.42
CA SER A 175 1.39 2.79 -10.49
C SER A 175 0.10 2.63 -11.26
N ALA A 176 -1.03 2.53 -10.55
CA ALA A 176 -2.32 2.39 -11.24
C ALA A 176 -2.60 3.60 -12.12
N MET A 177 -2.39 4.81 -11.59
CA MET A 177 -2.72 6.01 -12.36
C MET A 177 -1.82 6.13 -13.60
N LYS A 178 -0.54 5.79 -13.46
CA LYS A 178 0.37 5.80 -14.59
C LYS A 178 -0.04 4.77 -15.62
N PHE A 179 -0.21 3.52 -15.19
CA PHE A 179 -0.43 2.42 -16.13
C PHE A 179 -1.69 2.63 -16.96
N TYR A 180 -2.81 2.98 -16.32
CA TYR A 180 -4.08 3.10 -17.03
C TYR A 180 -4.29 4.47 -17.68
N GLY A 181 -3.24 5.28 -17.77
CA GLY A 181 -3.36 6.63 -18.29
C GLY A 181 -4.36 7.50 -17.54
N LEU A 182 -4.27 7.56 -16.22
CA LEU A 182 -5.09 8.52 -15.49
C LEU A 182 -4.21 9.42 -14.64
N CYS A 183 -3.32 10.17 -15.27
CA CYS A 183 -2.41 11.05 -14.57
C CYS A 183 -2.17 12.32 -15.38
N SER A 184 -3.21 12.85 -15.99
CA SER A 184 -3.09 14.05 -16.82
C SER A 184 -4.00 15.16 -16.32
N GLN A 185 -3.51 16.39 -16.42
CA GLN A 185 -4.28 17.55 -15.97
C GLN A 185 -5.66 17.54 -16.62
N GLY A 186 -6.65 18.03 -15.88
CA GLY A 186 -7.99 18.17 -16.42
C GLY A 186 -8.88 16.96 -16.32
N LEU A 187 -8.29 15.76 -16.43
CA LEU A 187 -9.03 14.50 -16.27
C LEU A 187 -9.85 14.52 -14.99
N HIS A 188 -11.01 13.88 -15.03
CA HIS A 188 -11.89 13.82 -13.87
C HIS A 188 -11.79 12.43 -13.25
N LEU A 189 -11.11 12.35 -12.11
CA LEU A 189 -10.88 11.11 -11.39
C LEU A 189 -11.86 10.96 -10.23
N GLY A 190 -12.44 9.78 -10.08
CA GLY A 190 -13.21 9.42 -8.89
C GLY A 190 -12.38 8.51 -8.03
N VAL A 191 -12.46 8.71 -6.71
CA VAL A 191 -11.81 7.86 -5.71
C VAL A 191 -12.91 7.26 -4.85
N VAL A 192 -13.00 5.93 -4.80
CA VAL A 192 -14.01 5.30 -3.97
C VAL A 192 -13.33 4.81 -2.69
N GLY A 193 -13.91 5.15 -1.54
CA GLY A 193 -13.37 4.81 -0.25
C GLY A 193 -12.50 5.94 0.29
N LEU A 194 -12.67 6.32 1.56
CA LEU A 194 -11.78 7.33 2.13
C LEU A 194 -11.01 6.79 3.34
N GLY A 195 -10.26 5.70 3.15
CA GLY A 195 -9.31 5.20 4.12
C GLY A 195 -7.90 5.55 3.75
N GLY A 196 -6.97 4.66 4.10
CA GLY A 196 -5.55 4.92 3.83
C GLY A 196 -5.25 5.12 2.36
N LEU A 197 -5.51 4.08 1.55
CA LEU A 197 -5.37 4.19 0.10
C LEU A 197 -6.16 5.34 -0.47
N GLY A 198 -7.41 5.51 -0.01
CA GLY A 198 -8.26 6.53 -0.60
C GLY A 198 -7.66 7.91 -0.49
N HIS A 199 -7.14 8.25 0.69
CA HIS A 199 -6.60 9.59 0.89
C HIS A 199 -5.28 9.75 0.15
N VAL A 200 -4.46 8.71 0.11
CA VAL A 200 -3.26 8.82 -0.70
C VAL A 200 -3.62 9.00 -2.18
N ALA A 201 -4.65 8.28 -2.65
CA ALA A 201 -5.11 8.43 -4.03
C ALA A 201 -5.52 9.86 -4.32
N VAL A 202 -6.26 10.48 -3.40
CA VAL A 202 -6.68 11.86 -3.62
C VAL A 202 -5.47 12.78 -3.72
N LYS A 203 -4.52 12.63 -2.81
CA LYS A 203 -3.35 13.52 -2.83
C LYS A 203 -2.59 13.41 -4.16
N PHE A 204 -2.39 12.18 -4.62
CA PHE A 204 -1.66 12.01 -5.88
C PHE A 204 -2.45 12.56 -7.07
N ALA A 205 -3.78 12.31 -7.09
CA ALA A 205 -4.62 12.81 -8.17
C ALA A 205 -4.59 14.33 -8.25
N LYS A 206 -4.71 14.99 -7.09
CA LYS A 206 -4.65 16.45 -7.07
C LYS A 206 -3.28 16.94 -7.54
N ALA A 207 -2.20 16.21 -7.19
CA ALA A 207 -0.86 16.63 -7.61
C ALA A 207 -0.64 16.43 -9.11
N PHE A 208 -1.36 15.48 -9.73
CA PHE A 208 -1.31 15.33 -11.19
C PHE A 208 -2.19 16.36 -11.91
N GLY A 209 -3.00 17.11 -11.16
CA GLY A 209 -3.85 18.13 -11.76
C GLY A 209 -5.22 17.68 -12.18
N MET A 210 -5.78 16.68 -11.54
CA MET A 210 -7.06 16.13 -11.96
C MET A 210 -8.13 16.62 -11.01
N LYS A 211 -9.33 16.75 -11.53
CA LYS A 211 -10.42 17.06 -10.64
C LYS A 211 -10.84 15.77 -9.94
N VAL A 212 -11.05 15.80 -8.64
CA VAL A 212 -11.24 14.58 -7.89
C VAL A 212 -12.61 14.61 -7.26
N THR A 213 -13.40 13.55 -7.46
CA THR A 213 -14.63 13.32 -6.72
C THR A 213 -14.44 12.13 -5.80
N VAL A 214 -14.71 12.30 -4.52
CA VAL A 214 -14.65 11.20 -3.57
C VAL A 214 -16.03 10.56 -3.50
N ILE A 215 -16.09 9.23 -3.61
CA ILE A 215 -17.32 8.47 -3.53
C ILE A 215 -17.29 7.69 -2.20
N SER A 216 -18.33 7.85 -1.36
CA SER A 216 -18.24 7.36 0.01
C SER A 216 -19.59 6.90 0.55
N THR A 217 -19.55 6.26 1.72
CA THR A 217 -20.74 5.84 2.46
C THR A 217 -20.90 6.57 3.79
N SER A 218 -19.90 7.35 4.19
CA SER A 218 -19.78 8.01 5.49
C SER A 218 -19.90 9.52 5.24
N LEU A 219 -21.07 10.10 5.50
CA LEU A 219 -21.22 11.49 5.12
C LEU A 219 -20.39 12.38 6.05
N GLY A 220 -20.16 11.92 7.29
CA GLY A 220 -19.29 12.55 8.27
C GLY A 220 -17.82 12.40 7.94
N LYS A 221 -17.54 12.28 6.65
CA LYS A 221 -16.19 12.33 6.15
C LYS A 221 -16.07 13.30 4.97
N LYS A 222 -17.20 13.75 4.41
CA LYS A 222 -17.21 14.83 3.44
C LYS A 222 -16.19 15.88 3.80
N GLU A 223 -15.98 16.09 5.10
CA GLU A 223 -15.39 17.33 5.52
C GLU A 223 -13.88 17.24 5.43
N GLU A 224 -13.33 16.05 5.70
CA GLU A 224 -11.93 15.81 5.36
C GLU A 224 -11.75 15.75 3.85
N ALA A 225 -12.77 15.25 3.13
CA ALA A 225 -12.61 15.06 1.70
C ALA A 225 -12.42 16.39 0.98
N ILE A 226 -13.33 17.33 1.27
CA ILE A 226 -13.34 18.64 0.63
C ILE A 226 -12.26 19.53 1.24
N ASN A 227 -12.26 19.68 2.57
CA ASN A 227 -11.40 20.66 3.22
C ASN A 227 -9.99 20.13 3.45
N GLN A 228 -9.84 19.07 4.25
CA GLN A 228 -8.49 18.64 4.55
C GLN A 228 -7.80 18.14 3.27
N LEU A 229 -8.45 17.20 2.57
CA LEU A 229 -7.85 16.56 1.41
C LEU A 229 -7.95 17.37 0.12
N GLY A 230 -8.87 18.33 0.03
CA GLY A 230 -8.91 19.20 -1.12
C GLY A 230 -9.57 18.63 -2.35
N ALA A 231 -10.45 17.64 -2.18
CA ALA A 231 -11.20 17.09 -3.30
C ALA A 231 -12.21 18.10 -3.81
N ASP A 232 -12.49 18.04 -5.10
CA ASP A 232 -13.38 19.01 -5.71
C ASP A 232 -14.85 18.67 -5.50
N SER A 233 -15.18 17.41 -5.19
CA SER A 233 -16.57 16.96 -5.14
C SER A 233 -16.70 15.75 -4.22
N PHE A 234 -17.92 15.50 -3.74
CA PHE A 234 -18.17 14.40 -2.80
C PHE A 234 -19.51 13.76 -3.13
N LEU A 235 -19.53 12.44 -3.22
CA LEU A 235 -20.73 11.68 -3.55
C LEU A 235 -20.95 10.57 -2.53
N ILE A 236 -22.19 10.38 -2.11
CA ILE A 236 -22.59 9.20 -1.34
C ILE A 236 -22.94 8.06 -2.30
N ASN A 237 -22.20 6.96 -2.15
CA ASN A 237 -22.42 5.67 -2.80
C ASN A 237 -23.90 5.44 -3.13
N THR A 238 -24.76 5.47 -2.12
CA THR A 238 -26.16 5.07 -2.19
C THR A 238 -27.12 6.21 -2.54
N ASP A 239 -26.64 7.44 -2.62
CA ASP A 239 -27.47 8.61 -2.85
C ASP A 239 -27.85 8.63 -4.33
N THR A 240 -28.85 7.81 -4.68
CA THR A 240 -29.09 7.39 -6.06
C THR A 240 -29.53 8.57 -6.91
N GLU A 241 -29.68 9.73 -6.29
CA GLU A 241 -30.21 10.92 -6.92
C GLU A 241 -29.03 11.85 -7.28
N GLN A 242 -28.06 12.03 -6.34
CA GLN A 242 -26.82 12.77 -6.70
C GLN A 242 -25.90 11.97 -7.63
N MET A 243 -25.77 10.67 -7.40
CA MET A 243 -25.02 9.80 -8.30
C MET A 243 -25.51 9.93 -9.72
N GLN A 244 -26.81 9.86 -9.91
CA GLN A 244 -27.41 9.97 -11.24
C GLN A 244 -27.20 11.33 -11.86
N GLY A 245 -27.11 12.36 -11.03
CA GLY A 245 -26.62 13.63 -11.56
C GLY A 245 -25.14 13.64 -11.87
N ALA A 246 -24.37 12.65 -11.41
CA ALA A 246 -22.96 12.58 -11.78
C ALA A 246 -22.67 11.53 -12.88
N MET A 247 -23.68 11.06 -13.59
CA MET A 247 -23.49 9.95 -14.52
C MET A 247 -22.64 10.36 -15.73
N GLU A 248 -21.83 9.40 -16.22
CA GLU A 248 -21.04 9.56 -17.45
C GLU A 248 -20.05 10.72 -17.35
N VAL A 249 -19.61 11.04 -16.15
CA VAL A 249 -18.82 12.25 -15.94
C VAL A 249 -17.32 11.96 -15.88
N MET A 250 -16.93 10.75 -15.51
CA MET A 250 -15.57 10.63 -15.02
C MET A 250 -14.69 9.84 -15.98
N ASP A 251 -13.45 10.29 -16.13
CA ASP A 251 -12.55 9.59 -17.03
C ASP A 251 -12.12 8.24 -16.46
N GLY A 252 -12.00 8.17 -15.13
CA GLY A 252 -11.62 6.94 -14.46
C GLY A 252 -11.91 7.04 -12.98
N ILE A 253 -11.96 5.87 -12.36
CA ILE A 253 -12.23 5.71 -10.93
C ILE A 253 -11.20 4.75 -10.36
N ILE A 254 -10.62 5.12 -9.23
CA ILE A 254 -9.76 4.23 -8.44
C ILE A 254 -10.58 3.82 -7.24
N ASP A 255 -10.86 2.52 -7.15
CA ASP A 255 -11.67 1.95 -6.09
C ASP A 255 -10.70 1.32 -5.08
N THR A 256 -10.67 1.89 -3.88
CA THR A 256 -9.78 1.45 -2.83
C THR A 256 -10.47 0.63 -1.75
N VAL A 257 -11.73 0.27 -1.93
CA VAL A 257 -12.51 -0.40 -0.89
C VAL A 257 -12.18 -1.89 -0.87
N SER A 258 -11.72 -2.38 0.28
CA SER A 258 -11.41 -3.80 0.48
C SER A 258 -12.60 -4.57 1.01
N ALA A 259 -13.80 -4.03 0.91
CA ALA A 259 -15.01 -4.72 1.34
C ALA A 259 -15.86 -4.96 0.11
N LEU A 260 -16.64 -6.04 0.14
CA LEU A 260 -17.63 -6.25 -0.90
C LEU A 260 -18.54 -5.02 -0.99
N HIS A 261 -18.79 -4.58 -2.21
CA HIS A 261 -19.61 -3.40 -2.46
C HIS A 261 -20.02 -3.46 -3.91
N PRO A 262 -21.08 -2.74 -4.31
CA PRO A 262 -21.59 -2.85 -5.69
C PRO A 262 -20.77 -2.07 -6.72
N ILE A 263 -20.48 -2.72 -7.85
CA ILE A 263 -19.68 -2.17 -8.95
C ILE A 263 -20.52 -1.34 -9.93
N GLU A 264 -21.76 -1.76 -10.20
CA GLU A 264 -22.59 -1.14 -11.22
C GLU A 264 -22.74 0.37 -11.07
N PRO A 265 -23.11 0.92 -9.89
CA PRO A 265 -23.22 2.39 -9.79
C PRO A 265 -21.91 3.12 -10.08
N LEU A 266 -20.76 2.52 -9.76
CA LEU A 266 -19.49 3.15 -10.09
C LEU A 266 -19.32 3.22 -11.61
N LEU A 267 -19.69 2.14 -12.31
CA LEU A 267 -19.69 2.15 -13.77
C LEU A 267 -20.57 3.27 -14.32
N GLY A 268 -21.73 3.51 -13.70
CA GLY A 268 -22.62 4.55 -14.19
C GLY A 268 -21.99 5.93 -14.18
N LEU A 269 -20.97 6.14 -13.33
CA LEU A 269 -20.31 7.43 -13.24
C LEU A 269 -19.27 7.63 -14.32
N LEU A 270 -18.88 6.56 -15.00
CA LEU A 270 -17.77 6.60 -15.94
C LEU A 270 -18.26 7.07 -17.30
N LYS A 271 -17.40 7.82 -18.01
CA LYS A 271 -17.65 8.15 -19.42
C LYS A 271 -17.72 6.90 -20.28
N SER A 272 -18.74 6.83 -21.14
CA SER A 272 -18.84 5.80 -22.16
C SER A 272 -17.63 5.82 -23.09
N HIS A 273 -17.31 4.64 -23.62
CA HIS A 273 -16.21 4.41 -24.56
C HIS A 273 -14.95 5.17 -24.18
N GLN A 274 -14.59 5.08 -22.90
CA GLN A 274 -13.48 5.85 -22.34
C GLN A 274 -13.22 5.44 -20.89
N GLY A 275 -14.27 5.43 -20.08
CA GLY A 275 -14.09 5.37 -18.63
C GLY A 275 -13.53 4.04 -18.18
N LYS A 276 -12.67 4.09 -17.17
CA LYS A 276 -11.97 2.92 -16.64
C LYS A 276 -12.19 2.86 -15.14
N LEU A 277 -12.69 1.73 -14.65
CA LEU A 277 -12.75 1.44 -13.22
C LEU A 277 -11.53 0.59 -12.86
N ILE A 278 -10.64 1.17 -12.06
CA ILE A 278 -9.39 0.54 -11.64
C ILE A 278 -9.55 0.13 -10.19
N ILE A 279 -9.42 -1.17 -9.93
CA ILE A 279 -9.62 -1.74 -8.61
C ILE A 279 -8.27 -2.00 -7.99
N VAL A 280 -8.06 -1.46 -6.79
CA VAL A 280 -6.84 -1.68 -6.03
C VAL A 280 -7.09 -2.26 -4.64
N GLY A 281 -8.31 -2.22 -4.13
CA GLY A 281 -8.61 -2.87 -2.87
C GLY A 281 -9.09 -4.29 -3.11
N LEU A 282 -8.52 -5.24 -2.35
CA LEU A 282 -8.88 -6.62 -2.58
C LEU A 282 -9.76 -7.15 -1.46
N PRO A 283 -11.02 -7.52 -1.75
CA PRO A 283 -11.98 -7.83 -0.70
C PRO A 283 -11.94 -9.31 -0.34
N ASN A 284 -12.84 -9.69 0.57
CA ASN A 284 -12.95 -11.10 0.95
C ASN A 284 -13.70 -11.87 -0.12
N LYS A 285 -14.89 -11.39 -0.47
CA LYS A 285 -15.70 -11.97 -1.54
C LYS A 285 -15.62 -11.08 -2.78
N GLN A 286 -15.91 -11.68 -3.92
CA GLN A 286 -15.88 -11.02 -5.20
C GLN A 286 -17.29 -10.56 -5.61
N PRO A 287 -17.44 -9.35 -6.13
CA PRO A 287 -18.74 -8.90 -6.61
C PRO A 287 -19.04 -9.50 -7.98
N GLU A 288 -20.25 -9.22 -8.47
CA GLU A 288 -20.67 -9.60 -9.81
C GLU A 288 -19.98 -8.71 -10.85
N LEU A 289 -19.72 -9.29 -12.02
CA LEU A 289 -19.18 -8.60 -13.18
C LEU A 289 -20.32 -7.92 -13.93
N PRO A 290 -20.36 -6.57 -14.00
CA PRO A 290 -21.53 -5.94 -14.65
C PRO A 290 -21.38 -5.98 -16.16
N VAL A 291 -21.63 -7.18 -16.73
CA VAL A 291 -21.34 -7.43 -18.13
C VAL A 291 -22.09 -6.45 -19.01
N PHE A 292 -23.37 -6.21 -18.69
CA PHE A 292 -24.25 -5.41 -19.53
C PHE A 292 -23.81 -3.96 -19.57
N SER A 293 -23.42 -3.42 -18.43
CA SER A 293 -22.86 -2.06 -18.38
C SER A 293 -21.53 -1.96 -19.12
N LEU A 294 -20.66 -2.97 -18.99
CA LEU A 294 -19.40 -2.91 -19.69
C LEU A 294 -19.62 -2.92 -21.20
N ILE A 295 -20.58 -3.73 -21.65
CA ILE A 295 -20.78 -3.87 -23.08
C ILE A 295 -21.48 -2.63 -23.63
N ASN A 296 -22.53 -2.17 -22.96
CA ASN A 296 -23.33 -1.08 -23.51
C ASN A 296 -22.68 0.29 -23.38
N GLY A 297 -21.74 0.48 -22.44
CA GLY A 297 -21.06 1.76 -22.32
C GLY A 297 -19.66 1.74 -22.88
N ARG A 298 -19.26 0.58 -23.40
CA ARG A 298 -17.88 0.29 -23.79
C ARG A 298 -16.92 0.77 -22.70
N LYS A 299 -17.04 0.17 -21.52
CA LYS A 299 -16.25 0.53 -20.35
C LYS A 299 -15.40 -0.66 -19.93
N MET A 300 -14.44 -0.40 -19.02
CA MET A 300 -13.39 -1.35 -18.61
C MET A 300 -13.25 -1.42 -17.09
N ILE A 301 -12.84 -2.59 -16.60
CA ILE A 301 -12.36 -2.77 -15.24
C ILE A 301 -10.96 -3.37 -15.31
N GLY A 302 -9.99 -2.69 -14.73
CA GLY A 302 -8.65 -3.24 -14.61
C GLY A 302 -8.25 -3.25 -13.15
N GLY A 303 -7.32 -4.12 -12.80
CA GLY A 303 -6.76 -4.14 -11.48
C GLY A 303 -5.33 -3.64 -11.50
N SER A 304 -4.86 -3.20 -10.34
CA SER A 304 -3.46 -2.82 -10.17
C SER A 304 -3.02 -3.20 -8.77
N ALA A 305 -1.76 -3.55 -8.64
CA ALA A 305 -1.19 -3.79 -7.32
C ALA A 305 -0.01 -2.84 -7.16
N VAL A 306 0.90 -3.13 -6.21
CA VAL A 306 2.01 -2.22 -5.93
C VAL A 306 2.93 -2.20 -7.16
N GLY A 307 3.52 -1.05 -7.43
CA GLY A 307 4.46 -0.94 -8.53
C GLY A 307 5.83 -1.53 -8.20
N GLY A 308 6.64 -1.73 -9.24
CA GLY A 308 7.96 -2.29 -9.04
C GLY A 308 8.88 -1.32 -8.33
N VAL A 309 10.15 -1.70 -8.13
CA VAL A 309 11.01 -0.91 -7.25
C VAL A 309 11.38 0.43 -7.90
N LYS A 310 11.69 0.44 -9.22
CA LYS A 310 11.95 1.72 -9.88
C LYS A 310 10.76 2.63 -9.81
N GLU A 311 9.57 2.09 -10.10
CA GLU A 311 8.38 2.91 -10.04
C GLU A 311 8.07 3.35 -8.62
N THR A 312 8.50 2.58 -7.61
CA THR A 312 8.23 3.01 -6.25
C THR A 312 9.19 4.13 -5.86
N GLN A 313 10.44 4.03 -6.31
CA GLN A 313 11.38 5.12 -6.16
C GLN A 313 10.87 6.37 -6.87
N GLU A 314 10.39 6.22 -8.09
CA GLU A 314 9.85 7.38 -8.83
C GLU A 314 8.65 7.95 -8.09
N MET A 315 7.80 7.09 -7.56
CA MET A 315 6.65 7.54 -6.82
C MET A 315 7.10 8.38 -5.63
N ILE A 316 8.12 7.92 -4.91
CA ILE A 316 8.48 8.60 -3.67
C ILE A 316 9.17 9.92 -3.98
N ASP A 317 9.91 9.97 -5.09
CA ASP A 317 10.52 11.22 -5.53
C ASP A 317 9.45 12.21 -5.99
N PHE A 318 8.40 11.71 -6.64
CA PHE A 318 7.27 12.55 -7.01
C PHE A 318 6.54 13.07 -5.78
N ALA A 319 6.35 12.22 -4.77
CA ALA A 319 5.72 12.68 -3.53
C ALA A 319 6.56 13.76 -2.87
N ALA A 320 7.89 13.62 -2.92
CA ALA A 320 8.77 14.62 -2.36
C ALA A 320 8.63 15.93 -3.12
N GLU A 321 8.75 15.89 -4.46
CA GLU A 321 8.57 17.10 -5.25
C GLU A 321 7.27 17.84 -4.90
N HIS A 322 6.23 17.12 -4.52
CA HIS A 322 4.90 17.70 -4.34
C HIS A 322 4.47 17.74 -2.88
N ASN A 323 5.41 17.60 -1.96
CA ASN A 323 5.16 17.44 -0.53
C ASN A 323 3.89 16.63 -0.24
N ILE A 324 3.88 15.40 -0.74
CA ILE A 324 2.82 14.46 -0.39
C ILE A 324 3.32 13.59 0.77
N THR A 325 2.51 13.45 1.80
CA THR A 325 2.78 12.57 2.93
C THR A 325 1.48 11.86 3.26
N ALA A 326 1.58 10.66 3.81
CA ALA A 326 0.35 10.05 4.32
C ALA A 326 -0.07 10.74 5.60
N ASP A 327 -1.38 10.80 5.84
CA ASP A 327 -1.95 11.28 7.10
C ASP A 327 -1.99 10.11 8.06
N ILE A 328 -1.16 10.13 9.09
CA ILE A 328 -0.88 8.94 9.86
C ILE A 328 -1.31 9.12 11.30
N GLU A 329 -1.42 8.00 12.01
CA GLU A 329 -1.47 7.96 13.48
C GLU A 329 -0.34 7.06 13.97
N ILE A 330 0.59 7.66 14.73
CA ILE A 330 1.70 6.92 15.34
C ILE A 330 1.19 6.17 16.55
N VAL A 331 1.57 4.89 16.65
CA VAL A 331 1.16 4.06 17.77
C VAL A 331 2.35 3.20 18.18
N PRO A 332 2.33 2.79 19.46
CA PRO A 332 3.41 1.90 19.91
C PRO A 332 3.12 0.48 19.49
N MET A 333 4.18 -0.36 19.54
CA MET A 333 4.07 -1.73 19.10
C MET A 333 2.97 -2.49 19.84
N ASP A 334 2.91 -2.39 21.17
CA ASP A 334 1.94 -3.23 21.89
C ASP A 334 0.50 -2.73 21.77
N TYR A 335 0.25 -1.69 20.97
CA TYR A 335 -1.10 -1.31 20.55
C TYR A 335 -1.55 -2.02 19.28
N VAL A 336 -0.67 -2.83 18.68
CA VAL A 336 -0.91 -3.28 17.32
C VAL A 336 -2.20 -4.10 17.24
N ASN A 337 -2.46 -4.95 18.24
CA ASN A 337 -3.70 -5.74 18.16
C ASN A 337 -4.91 -4.83 18.13
N THR A 338 -4.94 -3.82 19.02
CA THR A 338 -6.03 -2.84 18.97
C THR A 338 -6.08 -2.18 17.60
N ALA A 339 -4.91 -1.77 17.07
CA ALA A 339 -4.88 -1.13 15.77
C ALA A 339 -5.56 -2.00 14.72
N MET A 340 -5.28 -3.31 14.75
CA MET A 340 -5.88 -4.19 13.75
C MET A 340 -7.39 -4.16 13.88
N GLU A 341 -7.92 -4.29 15.11
CA GLU A 341 -9.37 -4.25 15.28
C GLU A 341 -9.93 -2.97 14.71
N ARG A 342 -9.24 -1.85 14.95
CA ARG A 342 -9.71 -0.58 14.42
C ARG A 342 -9.68 -0.57 12.89
N LEU A 343 -8.64 -1.14 12.26
CA LEU A 343 -8.67 -1.27 10.79
C LEU A 343 -9.88 -2.03 10.27
N GLU A 344 -10.29 -3.13 10.94
CA GLU A 344 -11.48 -3.81 10.41
C GLU A 344 -12.69 -2.89 10.32
N LYS A 345 -12.70 -1.78 11.07
CA LYS A 345 -13.82 -0.87 11.09
C LYS A 345 -13.61 0.37 10.23
N GLY A 346 -12.45 0.52 9.61
CA GLY A 346 -12.10 1.80 9.02
C GLY A 346 -11.77 2.89 10.01
N ASP A 347 -11.78 2.60 11.32
CA ASP A 347 -11.63 3.62 12.34
C ASP A 347 -10.22 4.21 12.40
N VAL A 348 -9.77 4.89 11.34
CA VAL A 348 -8.45 5.51 11.34
C VAL A 348 -8.40 6.63 10.31
N LYS A 349 -7.64 7.66 10.63
CA LYS A 349 -7.36 8.76 9.71
C LYS A 349 -5.86 9.07 9.69
N PHE A 350 -5.20 8.44 8.72
CA PHE A 350 -5.90 7.52 7.79
C PHE A 350 -5.19 6.16 7.77
N ARG A 351 -3.94 6.21 8.22
CA ARG A 351 -3.04 5.06 8.20
C ARG A 351 -2.36 4.92 9.57
N PHE A 352 -2.31 3.70 10.13
CA PHE A 352 -1.47 3.49 11.32
C PHE A 352 0.02 3.33 10.95
N VAL A 353 0.89 3.91 11.77
CA VAL A 353 2.34 3.74 11.67
C VAL A 353 2.88 3.37 13.04
N ILE A 354 3.59 2.25 13.14
CA ILE A 354 4.18 1.85 14.41
C ILE A 354 5.54 2.52 14.59
N ASP A 355 5.73 3.13 15.76
CA ASP A 355 7.04 3.69 16.12
C ASP A 355 7.88 2.53 16.64
N VAL A 356 8.59 1.87 15.72
CA VAL A 356 9.26 0.62 16.05
C VAL A 356 10.50 0.90 16.90
N GLU A 357 11.21 1.98 16.62
CA GLU A 357 12.47 2.24 17.31
C GLU A 357 12.23 2.58 18.78
N ASN A 358 11.28 3.45 19.06
CA ASN A 358 11.03 3.92 20.42
C ASN A 358 10.13 2.98 21.24
N THR A 359 9.48 1.98 20.63
CA THR A 359 8.52 1.23 21.42
C THR A 359 8.59 -0.27 21.24
N LEU A 360 9.33 -0.80 20.28
CA LEU A 360 9.57 -2.23 20.22
C LEU A 360 10.75 -2.54 21.10
N VAL A 361 10.55 -3.40 22.10
CA VAL A 361 11.59 -3.73 23.07
C VAL A 361 11.68 -5.23 23.18
N ALA A 362 12.83 -5.72 23.66
CA ALA A 362 13.09 -7.15 23.75
C ALA A 362 12.48 -7.73 25.01
N ALA A 363 11.80 -8.88 24.88
CA ALA A 363 11.00 -9.45 25.98
C ALA A 363 11.80 -9.94 27.18
#